data_1N2H
#
_entry.id   1N2H
#
_cell.length_a   48.258
_cell.length_b   70.861
_cell.length_c   81.822
_cell.angle_alpha   90.00
_cell.angle_beta   99.34
_cell.angle_gamma   90.00
#
_symmetry.space_group_name_H-M   'P 1 21 1'
#
loop_
_entity.id
_entity.type
_entity.pdbx_description
1 polymer 'pantothenate synthetase'
2 non-polymer 'SULFATE ION'
3 non-polymer 'MANGANESE (II) ION'
4 non-polymer 'PANTOYL ADENYLATE'
5 non-polymer GLYCEROL
6 non-polymer ETHANOL
7 water water
#
_entity_poly.entity_id   1
_entity_poly.type   'polypeptide(L)'
_entity_poly.pdbx_seq_one_letter_code
;MAIPAFHPGELNVYSAPGDVADVSRALRLTGRRVMLVPTMGALHEGHLALVRAAKRVPGSVVVVSIFVNPMQFGAGGDLD
AYPRTPDDDLAQLRAEGVEIAFTPTTAAMYPDGLRTTVQPGPLAAELEGGPRPTHFAGVLTVVLKLLQIVRPDRVFFGEK
DYQQLVLIRQLVADFNLDVAVVGVPTVREADGLAMSSRNRYLDPAQRAAAVALSAALTAAAHAATAGAQAALDAARAVLD
AAPGVAVDYLELRDIGLGPMPLNGSGRLLVAARLGTTRLLDNIAIEIGTFAGTDRPDGYR
;
_entity_poly.pdbx_strand_id   A,B
#
loop_
_chem_comp.id
_chem_comp.type
_chem_comp.name
_chem_comp.formula
EOH non-polymer ETHANOL 'C2 H6 O'
GOL non-polymer GLYCEROL 'C3 H8 O3'
MN non-polymer 'MANGANESE (II) ION' 'Mn 2'
PAJ non-polymer 'PANTOYL ADENYLATE' 'C16 H24 N5 O10 P'
SO4 non-polymer 'SULFATE ION' 'O4 S -2'
#
# COMPACT_ATOMS: atom_id res chain seq x y z
N ILE A 3 -6.91 -13.86 21.52
CA ILE A 3 -5.47 -13.58 21.83
C ILE A 3 -4.70 -14.83 22.25
N PRO A 4 -3.57 -15.13 21.57
CA PRO A 4 -2.78 -16.31 21.92
C PRO A 4 -1.95 -16.01 23.17
N ALA A 5 -1.36 -17.03 23.76
CA ALA A 5 -0.55 -16.83 24.95
C ALA A 5 0.57 -15.83 24.73
N PHE A 6 0.76 -14.96 25.73
CA PHE A 6 1.81 -13.97 25.75
C PHE A 6 2.36 -13.93 27.17
N HIS A 7 3.62 -14.31 27.30
CA HIS A 7 4.29 -14.32 28.60
C HIS A 7 5.26 -13.14 28.62
N PRO A 8 4.94 -12.08 29.37
CA PRO A 8 5.81 -10.91 29.45
C PRO A 8 7.20 -11.22 29.97
N GLY A 9 8.16 -10.42 29.54
CA GLY A 9 9.52 -10.65 29.98
C GLY A 9 10.21 -11.87 29.41
N GLU A 10 9.57 -12.53 28.44
CA GLU A 10 10.13 -13.71 27.76
C GLU A 10 9.95 -13.58 26.24
N LEU A 11 10.72 -14.37 25.49
CA LEU A 11 10.59 -14.32 24.03
C LEU A 11 9.42 -15.18 23.61
N ASN A 12 8.43 -14.53 23.01
CA ASN A 12 7.23 -15.18 22.53
C ASN A 12 7.35 -15.25 21.00
N VAL A 13 7.24 -16.45 20.45
CA VAL A 13 7.34 -16.65 19.01
C VAL A 13 5.99 -16.95 18.33
N TYR A 14 5.63 -16.14 17.35
CA TYR A 14 4.38 -16.38 16.63
C TYR A 14 4.67 -16.49 15.14
N SER A 15 4.03 -17.45 14.50
CA SER A 15 4.20 -17.63 13.07
C SER A 15 2.98 -17.09 12.32
N ALA A 16 1.81 -17.21 12.94
CA ALA A 16 0.58 -16.75 12.27
C ALA A 16 0.42 -15.23 12.27
N PRO A 17 0.20 -14.62 11.10
CA PRO A 17 0.03 -13.16 11.12
C PRO A 17 -1.10 -12.77 12.07
N GLY A 18 -2.19 -13.55 12.02
CA GLY A 18 -3.34 -13.27 12.89
C GLY A 18 -2.97 -13.23 14.38
N ASP A 19 -2.11 -14.13 14.81
CA ASP A 19 -1.67 -14.19 16.20
C ASP A 19 -0.87 -12.96 16.64
N VAL A 20 0.16 -12.60 15.87
CA VAL A 20 0.95 -11.46 16.27
C VAL A 20 0.09 -10.19 16.22
N ALA A 21 -0.86 -10.14 15.28
CA ALA A 21 -1.74 -9.00 15.12
C ALA A 21 -2.65 -8.85 16.35
N ASP A 22 -3.18 -9.96 16.84
CA ASP A 22 -4.02 -9.89 18.03
C ASP A 22 -3.23 -9.51 19.27
N VAL A 23 -2.05 -10.09 19.44
CA VAL A 23 -1.20 -9.76 20.59
C VAL A 23 -0.77 -8.29 20.53
N SER A 24 -0.36 -7.83 19.35
CA SER A 24 0.07 -6.44 19.21
C SER A 24 -1.07 -5.46 19.57
N ARG A 25 -2.24 -5.66 19.01
CA ARG A 25 -3.38 -4.81 19.31
C ARG A 25 -3.67 -4.85 20.80
N ALA A 26 -3.69 -6.05 21.38
CA ALA A 26 -3.95 -6.21 22.81
C ALA A 26 -2.96 -5.36 23.61
N LEU A 27 -1.71 -5.39 23.22
CA LEU A 27 -0.67 -4.63 23.91
C LEU A 27 -0.94 -3.15 23.70
N ARG A 28 -1.18 -2.77 22.46
CA ARG A 28 -1.44 -1.38 22.16
C ARG A 28 -2.62 -0.87 23.01
N LEU A 29 -3.70 -1.63 23.05
CA LEU A 29 -4.88 -1.23 23.84
C LEU A 29 -4.57 -1.07 25.35
N THR A 30 -3.53 -1.72 25.87
CA THR A 30 -3.23 -1.57 27.29
C THR A 30 -2.27 -0.41 27.52
N GLY A 31 -1.81 0.21 26.44
CA GLY A 31 -0.90 1.33 26.61
C GLY A 31 0.56 1.11 26.25
N ARG A 32 0.98 -0.12 26.03
CA ARG A 32 2.37 -0.38 25.65
C ARG A 32 2.59 0.17 24.23
N ARG A 33 3.79 0.67 23.93
CA ARG A 33 4.06 1.17 22.60
C ARG A 33 4.80 0.09 21.81
N VAL A 34 4.21 -0.34 20.69
CA VAL A 34 4.80 -1.40 19.93
C VAL A 34 5.88 -0.96 18.94
N MET A 35 7.06 -1.53 19.08
CA MET A 35 8.19 -1.22 18.21
C MET A 35 8.39 -2.39 17.21
N LEU A 36 8.60 -2.08 15.93
CA LEU A 36 8.85 -3.15 14.94
C LEU A 36 10.20 -3.04 14.30
N VAL A 37 10.93 -4.13 14.34
CA VAL A 37 12.23 -4.21 13.69
C VAL A 37 12.18 -5.32 12.62
N PRO A 38 12.03 -4.93 11.35
CA PRO A 38 11.98 -5.94 10.28
C PRO A 38 13.35 -6.47 9.94
N THR A 39 13.48 -7.80 9.84
CA THR A 39 14.74 -8.44 9.44
C THR A 39 14.45 -9.71 8.61
N MET A 40 15.49 -10.20 7.94
CA MET A 40 15.39 -11.44 7.21
C MET A 40 16.25 -12.50 7.94
N GLY A 41 16.42 -12.35 9.24
CA GLY A 41 17.22 -13.34 9.99
C GLY A 41 18.75 -13.27 9.85
N ALA A 42 19.45 -14.33 10.26
CA ALA A 42 20.94 -14.35 10.20
C ALA A 42 21.42 -13.08 10.92
N LEU A 43 20.89 -12.90 12.12
CA LEU A 43 21.17 -11.72 12.92
C LEU A 43 22.61 -11.54 13.39
N HIS A 44 23.06 -10.28 13.34
CA HIS A 44 24.41 -9.93 13.81
C HIS A 44 24.30 -8.59 14.55
N GLU A 45 25.41 -8.01 14.98
CA GLU A 45 25.36 -6.78 15.75
C GLU A 45 24.69 -5.60 15.07
N GLY A 46 24.70 -5.57 13.75
CA GLY A 46 24.04 -4.49 13.05
C GLY A 46 22.55 -4.54 13.39
N HIS A 47 21.96 -5.72 13.26
CA HIS A 47 20.55 -5.90 13.56
C HIS A 47 20.27 -5.59 15.03
N LEU A 48 21.18 -6.00 15.91
CA LEU A 48 20.95 -5.77 17.34
C LEU A 48 20.93 -4.29 17.76
N ALA A 49 21.62 -3.44 17.00
CA ALA A 49 21.59 -2.00 17.30
C ALA A 49 20.16 -1.52 17.07
N LEU A 50 19.48 -2.08 16.07
CA LEU A 50 18.09 -1.70 15.81
C LEU A 50 17.25 -2.19 16.98
N VAL A 51 17.49 -3.44 17.39
CA VAL A 51 16.75 -4.00 18.51
C VAL A 51 16.95 -3.13 19.76
N ARG A 52 18.20 -2.80 20.05
CA ARG A 52 18.50 -1.98 21.21
C ARG A 52 17.88 -0.58 21.09
N ALA A 53 17.83 -0.01 19.89
CA ALA A 53 17.21 1.31 19.73
C ALA A 53 15.72 1.21 20.07
N ALA A 54 15.08 0.15 19.57
CA ALA A 54 13.66 -0.07 19.84
C ALA A 54 13.40 -0.29 21.33
N LYS A 55 14.30 -1.04 21.96
CA LYS A 55 14.13 -1.39 23.35
C LYS A 55 14.23 -0.22 24.32
N ARG A 56 14.98 0.82 23.96
CA ARG A 56 15.12 1.96 24.85
C ARG A 56 13.91 2.90 24.84
N VAL A 57 12.96 2.68 23.94
CA VAL A 57 11.79 3.53 23.91
C VAL A 57 10.93 3.16 25.13
N PRO A 58 10.65 4.14 26.01
CA PRO A 58 9.84 3.93 27.23
C PRO A 58 8.51 3.19 27.02
N GLY A 59 8.28 2.16 27.82
CA GLY A 59 7.03 1.41 27.74
C GLY A 59 6.85 0.57 26.48
N SER A 60 7.93 0.40 25.75
CA SER A 60 7.86 -0.34 24.51
C SER A 60 7.85 -1.84 24.62
N VAL A 61 7.24 -2.46 23.62
CA VAL A 61 7.27 -3.91 23.52
C VAL A 61 7.93 -4.07 22.13
N VAL A 62 8.96 -4.90 22.03
CA VAL A 62 9.67 -5.03 20.77
C VAL A 62 9.25 -6.24 20.00
N VAL A 63 8.90 -6.01 18.74
CA VAL A 63 8.55 -7.08 17.84
C VAL A 63 9.61 -7.18 16.77
N VAL A 64 10.27 -8.33 16.67
CA VAL A 64 11.26 -8.51 15.60
C VAL A 64 10.72 -9.52 14.57
N SER A 65 10.60 -9.11 13.31
CA SER A 65 10.13 -10.03 12.30
C SER A 65 11.36 -10.65 11.61
N ILE A 66 11.25 -11.95 11.33
CA ILE A 66 12.30 -12.72 10.67
C ILE A 66 11.53 -13.40 9.54
N PHE A 67 11.80 -12.99 8.32
CA PHE A 67 11.12 -13.51 7.16
C PHE A 67 12.00 -13.24 5.96
N VAL A 68 12.47 -14.30 5.32
CA VAL A 68 13.32 -14.11 4.14
C VAL A 68 12.31 -13.93 3.01
N ASN A 69 12.01 -12.67 2.71
CA ASN A 69 11.02 -12.29 1.71
C ASN A 69 11.32 -12.72 0.27
N PRO A 70 10.62 -13.74 -0.26
CA PRO A 70 10.90 -14.17 -1.64
C PRO A 70 10.73 -13.10 -2.69
N MET A 71 9.82 -12.17 -2.47
CA MET A 71 9.56 -11.16 -3.47
C MET A 71 10.68 -10.18 -3.77
N GLN A 72 11.64 -10.00 -2.85
CA GLN A 72 12.69 -9.04 -3.11
C GLN A 72 13.92 -9.71 -3.71
N PHE A 73 13.80 -11.01 -3.95
CA PHE A 73 14.87 -11.74 -4.56
C PHE A 73 14.64 -11.81 -6.09
N GLY A 74 15.67 -11.50 -6.84
CA GLY A 74 15.56 -11.52 -8.28
C GLY A 74 15.47 -12.92 -8.86
N ALA A 75 15.99 -13.92 -8.16
CA ALA A 75 15.91 -15.28 -8.70
C ALA A 75 15.98 -16.37 -7.64
N GLY A 76 15.49 -17.55 -8.00
CA GLY A 76 15.50 -18.67 -7.07
C GLY A 76 16.86 -18.95 -6.43
N GLY A 77 17.92 -18.79 -7.21
CA GLY A 77 19.27 -19.02 -6.69
C GLY A 77 19.66 -18.14 -5.51
N ASP A 78 19.39 -16.84 -5.62
CA ASP A 78 19.71 -15.94 -4.53
C ASP A 78 18.88 -16.27 -3.32
N LEU A 79 17.59 -16.57 -3.54
CA LEU A 79 16.72 -16.89 -2.41
C LEU A 79 17.22 -18.12 -1.65
N ASP A 80 17.56 -19.19 -2.38
CA ASP A 80 18.05 -20.40 -1.72
C ASP A 80 19.40 -20.22 -1.03
N ALA A 81 20.23 -19.32 -1.55
CA ALA A 81 21.56 -19.06 -1.00
C ALA A 81 21.57 -18.10 0.19
N TYR A 82 20.45 -17.46 0.51
CA TYR A 82 20.43 -16.52 1.64
C TYR A 82 20.74 -17.24 2.95
N PRO A 83 21.61 -16.68 3.79
CA PRO A 83 21.87 -17.46 5.03
C PRO A 83 20.72 -17.55 6.02
N ARG A 84 20.58 -18.72 6.63
CA ARG A 84 19.51 -18.92 7.58
C ARG A 84 20.10 -19.56 8.82
N THR A 85 19.92 -18.89 9.97
CA THR A 85 20.42 -19.37 11.25
C THR A 85 19.36 -19.08 12.30
N PRO A 86 18.22 -19.78 12.22
CA PRO A 86 17.04 -19.70 13.08
C PRO A 86 17.35 -19.79 14.57
N ASP A 87 18.07 -20.85 14.96
CA ASP A 87 18.41 -21.06 16.36
C ASP A 87 19.28 -19.96 16.93
N ASP A 88 20.33 -19.57 16.23
CA ASP A 88 21.16 -18.49 16.73
C ASP A 88 20.30 -17.22 16.77
N ASP A 89 19.47 -16.99 15.75
CA ASP A 89 18.66 -15.78 15.75
C ASP A 89 17.79 -15.64 17.02
N LEU A 90 17.03 -16.67 17.36
CA LEU A 90 16.17 -16.58 18.54
C LEU A 90 16.96 -16.51 19.84
N ALA A 91 18.12 -17.15 19.92
CA ALA A 91 18.95 -17.06 21.14
C ALA A 91 19.45 -15.62 21.29
N GLN A 92 19.79 -14.97 20.18
CA GLN A 92 20.24 -13.60 20.31
C GLN A 92 19.06 -12.72 20.72
N LEU A 93 17.87 -12.99 20.19
CA LEU A 93 16.71 -12.17 20.58
C LEU A 93 16.40 -12.30 22.08
N ARG A 94 16.48 -13.54 22.56
CA ARG A 94 16.23 -13.82 23.96
C ARG A 94 17.26 -13.07 24.83
N ALA A 95 18.52 -13.10 24.41
CA ALA A 95 19.58 -12.43 25.14
C ALA A 95 19.33 -10.92 25.20
N GLU A 96 18.74 -10.37 24.14
CA GLU A 96 18.47 -8.93 24.10
C GLU A 96 17.22 -8.53 24.86
N GLY A 97 16.48 -9.51 25.38
CA GLY A 97 15.26 -9.17 26.10
C GLY A 97 14.07 -8.84 25.20
N VAL A 98 14.11 -9.31 23.95
CA VAL A 98 13.00 -9.08 23.00
C VAL A 98 11.87 -10.00 23.41
N GLU A 99 10.65 -9.47 23.46
CA GLU A 99 9.53 -10.30 23.87
C GLU A 99 8.73 -10.92 22.73
N ILE A 100 8.85 -10.37 21.53
CA ILE A 100 8.13 -10.94 20.40
C ILE A 100 8.96 -11.13 19.11
N ALA A 101 8.97 -12.37 18.63
CA ALA A 101 9.58 -12.66 17.34
C ALA A 101 8.42 -13.14 16.44
N PHE A 102 8.27 -12.48 15.30
CA PHE A 102 7.23 -12.83 14.30
C PHE A 102 7.93 -13.57 13.13
N THR A 103 7.63 -14.85 12.98
CA THR A 103 8.27 -15.71 11.98
C THR A 103 7.23 -16.34 11.02
N PRO A 104 6.69 -15.54 10.10
CA PRO A 104 5.69 -16.09 9.18
C PRO A 104 6.23 -17.01 8.07
N THR A 105 5.35 -17.81 7.50
CA THR A 105 5.75 -18.69 6.42
C THR A 105 5.47 -17.92 5.14
N THR A 106 6.04 -18.39 4.04
CA THR A 106 5.82 -17.74 2.77
C THR A 106 4.34 -17.85 2.37
N ALA A 107 3.71 -18.98 2.66
CA ALA A 107 2.28 -19.20 2.34
C ALA A 107 1.35 -18.27 3.13
N ALA A 108 1.66 -17.98 4.40
CA ALA A 108 0.82 -17.07 5.17
C ALA A 108 1.03 -15.62 4.65
N MET A 109 2.19 -15.30 4.08
CA MET A 109 2.41 -13.93 3.60
C MET A 109 1.94 -13.72 2.14
N TYR A 110 2.03 -14.77 1.33
CA TYR A 110 1.65 -14.68 -0.07
C TYR A 110 0.68 -15.81 -0.45
N PRO A 111 -0.47 -15.92 0.26
CA PRO A 111 -1.42 -16.98 -0.06
C PRO A 111 -1.99 -16.86 -1.47
N ASP A 112 -1.89 -15.66 -2.04
CA ASP A 112 -2.39 -15.46 -3.38
C ASP A 112 -1.27 -15.13 -4.34
N GLY A 113 -0.05 -15.50 -3.97
CA GLY A 113 1.09 -15.19 -4.82
C GLY A 113 1.24 -13.67 -4.96
N LEU A 114 1.71 -13.21 -6.13
CA LEU A 114 1.87 -11.79 -6.33
C LEU A 114 0.62 -11.25 -6.98
N ARG A 115 -0.23 -10.61 -6.18
CA ARG A 115 -1.46 -10.06 -6.71
C ARG A 115 -1.39 -8.54 -6.54
N THR A 116 -1.99 -7.96 -5.50
CA THR A 116 -1.85 -6.51 -5.31
C THR A 116 -0.43 -6.29 -4.74
N THR A 117 0.33 -5.34 -5.30
CA THR A 117 1.68 -5.06 -4.82
C THR A 117 1.94 -3.56 -4.77
N VAL A 118 3.07 -3.21 -4.17
CA VAL A 118 3.45 -1.81 -4.07
C VAL A 118 4.37 -1.47 -5.22
N GLN A 119 4.07 -0.38 -5.90
CA GLN A 119 4.90 0.11 -7.00
C GLN A 119 5.67 1.34 -6.41
N PRO A 120 7.00 1.21 -6.19
CA PRO A 120 7.79 2.33 -5.62
C PRO A 120 7.89 3.47 -6.64
N GLY A 121 8.38 4.63 -6.22
CA GLY A 121 8.57 5.73 -7.15
C GLY A 121 9.83 5.46 -7.96
N PRO A 122 10.29 6.44 -8.77
CA PRO A 122 11.50 6.35 -9.63
C PRO A 122 12.78 5.94 -8.90
N LEU A 123 12.94 6.34 -7.63
CA LEU A 123 14.16 5.96 -6.91
C LEU A 123 14.44 4.44 -6.96
N ALA A 124 13.37 3.65 -7.01
CA ALA A 124 13.53 2.20 -7.00
C ALA A 124 14.23 1.64 -8.24
N ALA A 125 14.30 2.41 -9.32
CA ALA A 125 14.96 1.94 -10.54
C ALA A 125 16.43 2.40 -10.59
N GLU A 126 16.88 3.06 -9.55
CA GLU A 126 18.25 3.56 -9.53
C GLU A 126 19.13 2.88 -8.51
N LEU A 127 20.43 3.18 -8.56
CA LEU A 127 21.40 2.58 -7.66
C LEU A 127 21.18 1.05 -7.59
N GLU A 128 20.86 0.48 -6.43
CA GLU A 128 20.65 -0.97 -6.35
C GLU A 128 19.50 -1.47 -7.21
N GLY A 129 18.51 -0.62 -7.45
CA GLY A 129 17.37 -1.04 -8.26
C GLY A 129 17.60 -1.06 -9.77
N GLY A 130 18.70 -0.45 -10.20
CA GLY A 130 19.01 -0.38 -11.62
C GLY A 130 18.94 -1.73 -12.31
N PRO A 131 19.80 -2.69 -11.91
CA PRO A 131 19.83 -4.03 -12.49
C PRO A 131 18.96 -5.08 -11.79
N ARG A 132 18.14 -4.61 -10.84
CA ARG A 132 17.18 -5.44 -10.07
C ARG A 132 15.90 -4.59 -9.99
N PRO A 133 15.21 -4.44 -11.13
CA PRO A 133 13.98 -3.64 -11.25
C PRO A 133 12.81 -3.99 -10.36
N THR A 134 12.76 -5.19 -9.78
CA THR A 134 11.63 -5.55 -8.93
C THR A 134 12.06 -5.66 -7.46
N HIS A 135 13.34 -5.46 -7.19
CA HIS A 135 13.80 -5.55 -5.82
C HIS A 135 13.04 -4.71 -4.77
N PHE A 136 12.97 -3.39 -5.01
CA PHE A 136 12.32 -2.51 -4.03
C PHE A 136 10.82 -2.63 -3.91
N ALA A 137 10.17 -3.05 -5.00
CA ALA A 137 8.73 -3.30 -4.93
C ALA A 137 8.56 -4.48 -3.95
N GLY A 138 9.47 -5.45 -4.00
CA GLY A 138 9.39 -6.60 -3.10
C GLY A 138 9.57 -6.17 -1.66
N VAL A 139 10.53 -5.28 -1.44
CA VAL A 139 10.79 -4.76 -0.11
C VAL A 139 9.57 -3.94 0.41
N LEU A 140 9.11 -2.95 -0.37
CA LEU A 140 8.01 -2.11 0.11
C LEU A 140 6.72 -2.90 0.29
N THR A 141 6.49 -3.88 -0.57
CA THR A 141 5.28 -4.70 -0.44
C THR A 141 5.32 -5.47 0.89
N VAL A 142 6.45 -6.11 1.21
CA VAL A 142 6.46 -6.87 2.45
C VAL A 142 6.45 -5.93 3.66
N VAL A 143 7.14 -4.79 3.57
CA VAL A 143 7.18 -3.90 4.72
C VAL A 143 5.79 -3.32 4.94
N LEU A 144 5.09 -2.98 3.86
CA LEU A 144 3.74 -2.46 4.04
C LEU A 144 2.86 -3.51 4.78
N LYS A 145 2.97 -4.77 4.37
CA LYS A 145 2.20 -5.85 4.98
C LYS A 145 2.57 -6.01 6.46
N LEU A 146 3.87 -6.00 6.74
CA LEU A 146 4.36 -6.12 8.12
C LEU A 146 3.83 -4.96 8.97
N LEU A 147 3.77 -3.75 8.38
CA LEU A 147 3.27 -2.60 9.14
C LEU A 147 1.76 -2.74 9.43
N GLN A 148 1.03 -3.38 8.52
CA GLN A 148 -0.39 -3.54 8.70
C GLN A 148 -0.75 -4.64 9.67
N ILE A 149 0.07 -5.70 9.69
CA ILE A 149 -0.11 -6.85 10.60
C ILE A 149 0.25 -6.42 12.02
N VAL A 150 1.45 -5.90 12.19
CA VAL A 150 1.93 -5.49 13.52
C VAL A 150 1.43 -4.12 14.02
N ARG A 151 1.22 -3.18 13.09
CA ARG A 151 0.76 -1.84 13.42
C ARG A 151 1.55 -1.21 14.56
N PRO A 152 2.87 -1.08 14.37
CA PRO A 152 3.73 -0.49 15.40
C PRO A 152 3.63 1.04 15.45
N ASP A 153 4.09 1.62 16.54
CA ASP A 153 4.12 3.09 16.70
C ASP A 153 5.37 3.55 15.96
N ARG A 154 6.43 2.72 16.01
CA ARG A 154 7.69 2.98 15.32
C ARG A 154 8.27 1.73 14.66
N VAL A 155 8.94 1.94 13.53
CA VAL A 155 9.58 0.85 12.80
C VAL A 155 11.03 1.30 12.59
N PHE A 156 11.98 0.37 12.78
CA PHE A 156 13.41 0.71 12.70
C PHE A 156 14.10 0.12 11.50
N PHE A 157 14.92 0.95 10.85
CA PHE A 157 15.68 0.54 9.69
C PHE A 157 17.12 1.07 9.83
N GLY A 158 18.07 0.30 9.30
CA GLY A 158 19.45 0.72 9.39
C GLY A 158 19.88 1.68 8.28
N GLU A 159 20.80 2.59 8.59
CA GLU A 159 21.30 3.49 7.56
C GLU A 159 22.19 2.70 6.58
N LYS A 160 22.58 1.49 6.98
CA LYS A 160 23.39 0.63 6.12
C LYS A 160 22.74 0.45 4.77
N ASP A 161 21.43 0.22 4.77
CA ASP A 161 20.71 0.11 3.50
C ASP A 161 19.96 1.45 3.39
N TYR A 162 20.75 2.49 3.16
CA TYR A 162 20.21 3.84 3.07
C TYR A 162 19.12 4.01 2.01
N GLN A 163 19.32 3.48 0.79
CA GLN A 163 18.28 3.63 -0.25
C GLN A 163 16.97 2.96 0.20
N GLN A 164 17.08 1.80 0.85
CA GLN A 164 15.91 1.14 1.35
C GLN A 164 15.21 2.03 2.39
N LEU A 165 15.99 2.64 3.28
CA LEU A 165 15.46 3.51 4.33
C LEU A 165 14.74 4.70 3.68
N VAL A 166 15.36 5.33 2.69
CA VAL A 166 14.69 6.47 2.02
C VAL A 166 13.37 6.03 1.39
N LEU A 167 13.38 4.88 0.74
CA LEU A 167 12.15 4.38 0.08
C LEU A 167 11.05 4.07 1.09
N ILE A 168 11.44 3.59 2.28
CA ILE A 168 10.44 3.32 3.31
C ILE A 168 9.85 4.64 3.81
N ARG A 169 10.67 5.68 3.91
CA ARG A 169 10.12 6.96 4.33
C ARG A 169 9.11 7.43 3.27
N GLN A 170 9.38 7.14 2.00
CA GLN A 170 8.46 7.55 0.93
C GLN A 170 7.18 6.77 1.04
N LEU A 171 7.33 5.50 1.34
CA LEU A 171 6.18 4.62 1.48
C LEU A 171 5.27 5.15 2.56
N VAL A 172 5.86 5.44 3.71
CA VAL A 172 5.11 5.94 4.86
C VAL A 172 4.45 7.27 4.55
N ALA A 173 5.18 8.17 3.91
CA ALA A 173 4.61 9.46 3.56
C ALA A 173 3.48 9.37 2.49
N ASP A 174 3.76 8.63 1.42
CA ASP A 174 2.86 8.52 0.27
C ASP A 174 1.58 7.77 0.54
N PHE A 175 1.61 6.81 1.47
CA PHE A 175 0.38 6.08 1.81
C PHE A 175 -0.21 6.58 3.15
N ASN A 176 0.32 7.69 3.68
CA ASN A 176 -0.19 8.25 4.93
C ASN A 176 -0.15 7.25 6.10
N LEU A 177 0.88 6.41 6.14
CA LEU A 177 0.98 5.42 7.22
C LEU A 177 1.26 6.13 8.55
N ASP A 178 0.52 5.74 9.58
CA ASP A 178 0.66 6.35 10.88
C ASP A 178 1.71 5.59 11.71
N VAL A 179 2.97 5.83 11.39
CA VAL A 179 4.07 5.14 12.05
C VAL A 179 5.27 6.04 11.86
N ALA A 180 6.12 6.13 12.86
CA ALA A 180 7.33 6.90 12.76
C ALA A 180 8.45 5.95 12.25
N VAL A 181 9.22 6.43 11.27
CA VAL A 181 10.33 5.63 10.75
C VAL A 181 11.62 6.07 11.45
N VAL A 182 12.29 5.14 12.10
CA VAL A 182 13.52 5.47 12.82
C VAL A 182 14.75 4.86 12.14
N GLY A 183 15.63 5.72 11.66
CA GLY A 183 16.85 5.29 11.04
C GLY A 183 17.90 5.12 12.11
N VAL A 184 18.63 4.01 12.07
CA VAL A 184 19.69 3.68 13.02
C VAL A 184 21.04 3.68 12.32
N PRO A 185 22.04 4.37 12.90
CA PRO A 185 23.37 4.43 12.28
C PRO A 185 23.99 3.06 12.07
N THR A 186 24.83 3.01 11.03
CA THR A 186 25.50 1.79 10.64
C THR A 186 26.50 1.25 11.65
N VAL A 187 26.34 -0.01 12.02
CA VAL A 187 27.25 -0.65 12.96
C VAL A 187 28.38 -1.18 12.10
N ARG A 188 29.61 -0.94 12.54
CA ARG A 188 30.83 -1.33 11.82
C ARG A 188 31.81 -2.18 12.62
N GLU A 189 32.60 -3.00 11.94
CA GLU A 189 33.60 -3.77 12.64
C GLU A 189 34.67 -2.76 13.12
N ALA A 190 35.58 -3.21 13.97
CA ALA A 190 36.65 -2.36 14.52
C ALA A 190 37.46 -1.60 13.48
N ASP A 191 37.61 -2.17 12.28
CA ASP A 191 38.38 -1.46 11.24
C ASP A 191 37.51 -0.61 10.29
N GLY A 192 36.22 -0.48 10.58
CA GLY A 192 35.32 0.29 9.72
C GLY A 192 34.37 -0.51 8.82
N LEU A 193 34.67 -1.78 8.57
CA LEU A 193 33.80 -2.57 7.69
C LEU A 193 32.36 -2.58 8.18
N ALA A 194 31.43 -2.19 7.32
CA ALA A 194 30.03 -2.16 7.74
C ALA A 194 29.58 -3.59 8.00
N MET A 195 28.93 -3.84 9.13
CA MET A 195 28.47 -5.21 9.38
C MET A 195 27.34 -5.63 8.45
N SER A 196 27.47 -6.85 7.95
CA SER A 196 26.54 -7.43 7.02
C SER A 196 26.58 -8.94 7.09
N SER A 197 25.45 -9.54 6.82
CA SER A 197 25.35 -10.99 6.81
C SER A 197 26.21 -11.50 5.65
N ARG A 198 26.51 -10.66 4.66
CA ARG A 198 27.35 -11.12 3.56
C ARG A 198 28.86 -11.16 3.83
N ASN A 199 29.31 -10.56 4.94
CA ASN A 199 30.73 -10.53 5.27
C ASN A 199 31.25 -11.94 5.53
N ARG A 200 30.36 -12.85 5.90
CA ARG A 200 30.77 -14.25 6.13
C ARG A 200 31.27 -14.88 4.79
N TYR A 201 30.96 -14.28 3.65
CA TYR A 201 31.40 -14.85 2.36
C TYR A 201 32.76 -14.35 1.86
N LEU A 202 33.42 -13.54 2.68
CA LEU A 202 34.73 -12.99 2.36
C LEU A 202 35.76 -13.90 3.01
N ASP A 203 36.75 -14.34 2.23
CA ASP A 203 37.83 -15.15 2.78
C ASP A 203 38.79 -14.18 3.45
N PRO A 204 39.84 -14.68 4.15
CA PRO A 204 40.80 -13.80 4.83
C PRO A 204 41.34 -12.63 4.00
N ALA A 205 41.76 -12.88 2.77
CA ALA A 205 42.29 -11.82 1.94
C ALA A 205 41.24 -10.75 1.62
N GLN A 206 40.06 -11.19 1.19
CA GLN A 206 38.96 -10.29 0.81
C GLN A 206 38.50 -9.50 2.01
N ARG A 207 38.46 -10.16 3.16
CA ARG A 207 38.05 -9.50 4.38
C ARG A 207 39.01 -8.33 4.60
N ALA A 208 40.30 -8.58 4.37
CA ALA A 208 41.30 -7.54 4.57
C ALA A 208 41.15 -6.41 3.54
N ALA A 209 40.77 -6.76 2.32
CA ALA A 209 40.64 -5.75 1.28
C ALA A 209 39.35 -4.96 1.41
N ALA A 210 38.37 -5.57 2.05
CA ALA A 210 37.04 -4.95 2.20
C ALA A 210 37.04 -3.66 3.04
N VAL A 211 38.12 -3.46 3.79
CA VAL A 211 38.24 -2.28 4.61
C VAL A 211 38.29 -1.01 3.73
N ALA A 212 38.68 -1.16 2.48
CA ALA A 212 38.77 -0.03 1.54
C ALA A 212 37.45 0.71 1.31
N LEU A 213 36.31 0.02 1.43
CA LEU A 213 35.06 0.71 1.22
C LEU A 213 34.83 1.78 2.31
N SER A 214 34.90 1.39 3.58
CA SER A 214 34.73 2.36 4.67
C SER A 214 35.86 3.40 4.68
N ALA A 215 37.10 2.98 4.43
CA ALA A 215 38.23 3.91 4.42
C ALA A 215 38.07 4.94 3.28
N ALA A 216 37.56 4.50 2.13
CA ALA A 216 37.34 5.37 0.98
C ALA A 216 36.26 6.38 1.29
N LEU A 217 35.22 5.93 2.00
CA LEU A 217 34.13 6.82 2.33
C LEU A 217 34.49 7.86 3.37
N THR A 218 35.17 7.44 4.43
CA THR A 218 35.54 8.37 5.50
C THR A 218 36.62 9.32 4.99
N ALA A 219 37.45 8.85 4.06
CA ALA A 219 38.47 9.73 3.47
C ALA A 219 37.72 10.80 2.70
N ALA A 220 36.71 10.37 1.95
CA ALA A 220 35.89 11.27 1.16
C ALA A 220 35.18 12.30 2.03
N ALA A 221 34.64 11.84 3.17
CA ALA A 221 33.91 12.74 4.06
C ALA A 221 34.82 13.86 4.57
N HIS A 222 36.11 13.57 4.76
CA HIS A 222 36.99 14.64 5.23
C HIS A 222 37.55 15.47 4.10
N ALA A 223 37.76 14.86 2.95
CA ALA A 223 38.27 15.58 1.78
C ALA A 223 37.21 16.58 1.28
N ALA A 224 35.96 16.31 1.62
CA ALA A 224 34.81 17.12 1.18
C ALA A 224 34.88 18.62 1.50
N THR A 225 35.74 19.01 2.43
CA THR A 225 35.87 20.43 2.72
C THR A 225 36.37 21.13 1.47
N ALA A 226 37.06 20.37 0.62
CA ALA A 226 37.62 20.91 -0.61
C ALA A 226 36.70 20.72 -1.80
N GLY A 227 35.47 20.25 -1.57
CA GLY A 227 34.52 20.10 -2.65
C GLY A 227 34.14 18.68 -3.04
N ALA A 228 33.14 18.56 -3.90
CA ALA A 228 32.65 17.25 -4.35
C ALA A 228 33.70 16.44 -5.13
N GLN A 229 34.37 17.10 -6.06
CA GLN A 229 35.35 16.39 -6.85
C GLN A 229 36.49 15.81 -5.98
N ALA A 230 36.93 16.61 -5.01
CA ALA A 230 37.99 16.19 -4.13
C ALA A 230 37.50 14.97 -3.33
N ALA A 231 36.28 15.04 -2.82
CA ALA A 231 35.74 13.93 -2.05
C ALA A 231 35.65 12.67 -2.89
N LEU A 232 35.13 12.80 -4.12
CA LEU A 232 35.01 11.65 -5.01
C LEU A 232 36.36 11.07 -5.43
N ASP A 233 37.30 11.94 -5.81
CA ASP A 233 38.62 11.43 -6.22
C ASP A 233 39.37 10.77 -5.05
N ALA A 234 39.20 11.27 -3.84
CA ALA A 234 39.87 10.70 -2.67
C ALA A 234 39.34 9.27 -2.47
N ALA A 235 38.01 9.12 -2.56
CA ALA A 235 37.39 7.82 -2.39
C ALA A 235 37.88 6.85 -3.45
N ARG A 236 37.93 7.35 -4.69
CA ARG A 236 38.36 6.53 -5.82
C ARG A 236 39.82 6.11 -5.71
N ALA A 237 40.67 6.97 -5.15
CA ALA A 237 42.08 6.60 -5.02
C ALA A 237 42.20 5.46 -4.00
N VAL A 238 41.39 5.49 -2.94
CA VAL A 238 41.45 4.46 -1.93
C VAL A 238 40.95 3.13 -2.52
N LEU A 239 39.84 3.18 -3.26
CA LEU A 239 39.30 1.96 -3.85
C LEU A 239 40.28 1.38 -4.90
N ASP A 240 40.91 2.25 -5.67
CA ASP A 240 41.87 1.83 -6.70
C ASP A 240 43.13 1.22 -6.07
N ALA A 241 43.44 1.55 -4.82
CA ALA A 241 44.63 0.98 -4.24
C ALA A 241 44.34 -0.36 -3.56
N ALA A 242 43.06 -0.73 -3.53
CA ALA A 242 42.60 -1.96 -2.88
C ALA A 242 42.65 -3.18 -3.79
N PRO A 243 43.34 -4.24 -3.35
CA PRO A 243 43.48 -5.48 -4.12
C PRO A 243 42.23 -6.31 -4.22
N GLY A 244 41.83 -6.60 -5.45
CA GLY A 244 40.64 -7.41 -5.68
C GLY A 244 39.33 -6.73 -5.41
N VAL A 245 39.26 -5.42 -5.54
CA VAL A 245 37.99 -4.73 -5.30
C VAL A 245 37.44 -4.13 -6.58
N ALA A 246 36.34 -4.67 -7.09
CA ALA A 246 35.73 -4.16 -8.32
C ALA A 246 34.56 -3.26 -8.00
N VAL A 247 34.78 -1.96 -8.21
CA VAL A 247 33.74 -0.99 -7.94
C VAL A 247 32.61 -1.11 -8.92
N ASP A 248 31.40 -1.21 -8.38
CA ASP A 248 30.18 -1.30 -9.16
C ASP A 248 29.78 0.15 -9.45
N TYR A 249 29.56 0.90 -8.37
CA TYR A 249 29.21 2.32 -8.47
C TYR A 249 29.70 3.06 -7.22
N LEU A 250 29.96 4.36 -7.40
CA LEU A 250 30.39 5.25 -6.35
C LEU A 250 29.70 6.55 -6.71
N GLU A 251 28.70 6.94 -5.93
CA GLU A 251 27.93 8.14 -6.28
C GLU A 251 27.60 8.98 -5.08
N LEU A 252 27.62 10.29 -5.33
CA LEU A 252 27.35 11.32 -4.36
C LEU A 252 25.98 11.87 -4.70
N ARG A 253 25.07 11.84 -3.73
CA ARG A 253 23.71 12.32 -3.95
C ARG A 253 23.13 13.14 -2.82
N ASP A 254 22.07 13.87 -3.12
CA ASP A 254 21.37 14.63 -2.09
C ASP A 254 20.94 13.58 -1.05
N ILE A 255 20.73 13.99 0.20
CA ILE A 255 20.33 13.03 1.23
C ILE A 255 19.06 12.26 0.94
N GLY A 256 18.13 12.86 0.19
CA GLY A 256 16.89 12.18 -0.10
C GLY A 256 16.95 11.29 -1.34
N LEU A 257 18.10 11.30 -2.02
CA LEU A 257 18.33 10.49 -3.22
C LEU A 257 17.39 10.83 -4.38
N GLY A 258 16.49 11.80 -4.17
CA GLY A 258 15.51 12.16 -5.19
C GLY A 258 15.95 13.02 -6.38
N PRO A 259 15.00 13.62 -7.10
CA PRO A 259 15.23 14.49 -8.27
C PRO A 259 15.73 15.87 -7.90
N MET A 260 16.73 15.89 -7.03
CA MET A 260 17.37 17.11 -6.51
C MET A 260 18.88 17.00 -6.67
N PRO A 261 19.55 18.13 -6.96
CA PRO A 261 21.01 18.08 -7.10
C PRO A 261 21.61 18.09 -5.71
N LEU A 262 22.82 17.58 -5.61
CA LEU A 262 23.51 17.59 -4.34
C LEU A 262 23.84 19.06 -4.06
N ASN A 263 23.43 19.55 -2.89
CA ASN A 263 23.67 20.93 -2.50
C ASN A 263 24.03 20.98 -1.01
N GLY A 264 25.32 20.88 -0.70
CA GLY A 264 25.74 20.93 0.68
C GLY A 264 25.73 19.58 1.39
N SER A 265 24.58 19.16 1.91
CA SER A 265 24.50 17.88 2.63
C SER A 265 24.09 16.77 1.69
N GLY A 266 24.82 15.67 1.70
CA GLY A 266 24.47 14.59 0.80
C GLY A 266 24.82 13.24 1.37
N ARG A 267 24.87 12.25 0.49
CA ARG A 267 25.24 10.92 0.91
C ARG A 267 26.16 10.35 -0.16
N LEU A 268 27.28 9.72 0.24
CA LEU A 268 28.20 9.07 -0.73
C LEU A 268 27.92 7.56 -0.63
N LEU A 269 27.54 6.94 -1.73
CA LEU A 269 27.24 5.51 -1.71
C LEU A 269 28.17 4.74 -2.61
N VAL A 270 28.55 3.54 -2.16
CA VAL A 270 29.44 2.71 -2.94
C VAL A 270 28.94 1.27 -2.88
N ALA A 271 29.26 0.51 -3.93
CA ALA A 271 28.91 -0.90 -4.02
C ALA A 271 30.09 -1.49 -4.78
N ALA A 272 30.64 -2.60 -4.29
CA ALA A 272 31.77 -3.19 -4.96
C ALA A 272 31.76 -4.69 -4.76
N ARG A 273 32.44 -5.39 -5.66
CA ARG A 273 32.51 -6.84 -5.57
C ARG A 273 33.90 -7.28 -5.18
N LEU A 274 33.94 -8.27 -4.30
CA LEU A 274 35.16 -8.89 -3.85
C LEU A 274 34.88 -10.39 -4.15
N GLY A 275 35.41 -10.91 -5.24
CA GLY A 275 35.10 -12.30 -5.56
C GLY A 275 33.66 -12.25 -6.05
N THR A 276 32.77 -13.05 -5.47
CA THR A 276 31.36 -13.05 -5.89
C THR A 276 30.51 -12.25 -4.87
N THR A 277 31.17 -11.73 -3.85
CA THR A 277 30.48 -10.99 -2.80
C THR A 277 30.33 -9.49 -3.07
N ARG A 278 29.09 -9.06 -3.17
CA ARG A 278 28.81 -7.63 -3.39
C ARG A 278 28.56 -6.98 -2.03
N LEU A 279 29.39 -5.99 -1.72
CA LEU A 279 29.33 -5.24 -0.47
C LEU A 279 28.86 -3.81 -0.74
N LEU A 280 28.17 -3.23 0.24
CA LEU A 280 27.65 -1.87 0.11
C LEU A 280 28.05 -1.03 1.32
N ASP A 281 28.16 0.28 1.12
CA ASP A 281 28.44 1.16 2.23
C ASP A 281 28.04 2.58 1.77
N ASN A 282 27.77 3.43 2.74
CA ASN A 282 27.42 4.81 2.46
C ASN A 282 27.77 5.64 3.69
N ILE A 283 27.84 6.96 3.50
CA ILE A 283 28.20 7.81 4.59
C ILE A 283 27.64 9.19 4.31
N ALA A 284 27.34 9.92 5.38
CA ALA A 284 26.84 11.29 5.29
C ALA A 284 28.03 12.11 4.84
N ILE A 285 27.80 13.11 3.99
CA ILE A 285 28.87 13.97 3.49
C ILE A 285 28.39 15.44 3.52
N GLU A 286 29.27 16.34 3.95
CA GLU A 286 28.98 17.78 3.98
C GLU A 286 30.00 18.43 3.05
N ILE A 287 29.53 19.07 2.00
CA ILE A 287 30.43 19.69 1.05
C ILE A 287 30.79 21.06 1.55
N GLY A 288 32.08 21.37 1.59
CA GLY A 288 32.53 22.67 2.05
C GLY A 288 32.57 22.79 3.56
N THR A 289 31.90 21.91 4.28
CA THR A 289 31.89 21.98 5.76
C THR A 289 33.08 21.22 6.36
N PHE A 290 33.66 21.83 7.41
CA PHE A 290 34.81 21.24 8.12
C PHE A 290 34.27 20.66 9.43
N ALA B 2 -3.77 20.17 20.56
CA ALA B 2 -5.24 20.23 20.72
C ALA B 2 -6.01 19.64 19.52
N ILE B 3 -6.67 18.51 19.75
CA ILE B 3 -7.46 17.84 18.72
C ILE B 3 -8.43 18.84 18.11
N PRO B 4 -8.56 18.84 16.77
CA PRO B 4 -9.50 19.77 16.13
C PRO B 4 -10.89 19.64 16.76
N ALA B 5 -11.69 20.68 16.62
CA ALA B 5 -13.04 20.67 17.19
C ALA B 5 -14.01 19.72 16.47
N PHE B 6 -14.87 19.06 17.25
CA PHE B 6 -15.89 18.15 16.73
C PHE B 6 -17.19 18.45 17.47
N HIS B 7 -18.25 18.76 16.72
CA HIS B 7 -19.57 19.07 17.29
C HIS B 7 -20.53 17.93 16.99
N PRO B 8 -20.84 17.09 18.00
CA PRO B 8 -21.77 15.97 17.76
C PRO B 8 -23.13 16.39 17.24
N GLY B 9 -23.69 15.60 16.35
CA GLY B 9 -25.01 15.91 15.80
C GLY B 9 -24.97 16.91 14.66
N GLU B 10 -23.78 17.34 14.29
CA GLU B 10 -23.66 18.31 13.20
C GLU B 10 -22.67 17.87 12.14
N LEU B 11 -22.79 18.44 10.94
CA LEU B 11 -21.85 18.10 9.88
C LEU B 11 -20.58 18.89 10.12
N ASN B 12 -19.48 18.18 10.38
CA ASN B 12 -18.18 18.78 10.62
C ASN B 12 -17.34 18.54 9.38
N VAL B 13 -16.87 19.61 8.76
CA VAL B 13 -16.08 19.49 7.54
C VAL B 13 -14.57 19.74 7.76
N TYR B 14 -13.75 18.79 7.34
CA TYR B 14 -12.31 18.93 7.45
C TYR B 14 -11.67 18.69 6.08
N SER B 15 -10.72 19.54 5.73
CA SER B 15 -9.99 19.45 4.46
C SER B 15 -8.58 18.90 4.67
N ALA B 16 -8.03 19.10 5.87
CA ALA B 16 -6.68 18.63 6.14
C ALA B 16 -6.67 17.18 6.56
N PRO B 17 -5.86 16.34 5.88
CA PRO B 17 -5.82 14.94 6.28
C PRO B 17 -5.52 14.79 7.79
N GLY B 18 -4.56 15.55 8.28
CA GLY B 18 -4.18 15.47 9.67
C GLY B 18 -5.34 15.71 10.61
N ASP B 19 -6.15 16.71 10.27
CA ASP B 19 -7.33 17.04 11.08
C ASP B 19 -8.33 15.85 11.15
N VAL B 20 -8.75 15.32 10.01
CA VAL B 20 -9.71 14.25 10.09
C VAL B 20 -9.10 13.02 10.77
N ALA B 21 -7.78 12.83 10.59
CA ALA B 21 -7.11 11.70 11.23
C ALA B 21 -7.19 11.84 12.76
N ASP B 22 -6.89 13.05 13.27
CA ASP B 22 -6.94 13.29 14.71
C ASP B 22 -8.36 13.14 15.28
N VAL B 23 -9.35 13.70 14.59
CA VAL B 23 -10.71 13.57 15.06
C VAL B 23 -11.16 12.10 15.02
N SER B 24 -10.77 11.40 13.98
CA SER B 24 -11.17 10.02 13.86
C SER B 24 -10.57 9.18 15.00
N ARG B 25 -9.27 9.32 15.25
CA ARG B 25 -8.65 8.57 16.34
C ARG B 25 -9.29 8.95 17.68
N ALA B 26 -9.48 10.25 17.92
CA ALA B 26 -10.13 10.68 19.17
C ALA B 26 -11.54 10.06 19.34
N LEU B 27 -12.35 10.13 18.28
CA LEU B 27 -13.71 9.58 18.36
C LEU B 27 -13.69 8.06 18.63
N ARG B 28 -12.77 7.36 18.00
CA ARG B 28 -12.63 5.92 18.20
C ARG B 28 -12.46 5.63 19.69
N LEU B 29 -11.59 6.38 20.35
CA LEU B 29 -11.32 6.16 21.78
C LEU B 29 -12.51 6.45 22.68
N THR B 30 -13.40 7.32 22.26
CA THR B 30 -14.59 7.66 23.03
C THR B 30 -15.76 6.68 22.81
N GLY B 31 -15.53 5.59 22.09
CA GLY B 31 -16.62 4.65 21.88
C GLY B 31 -17.48 4.79 20.63
N ARG B 32 -16.88 5.21 19.52
CA ARG B 32 -17.62 5.32 18.27
C ARG B 32 -16.95 4.39 17.27
N ARG B 33 -17.72 3.86 16.34
CA ARG B 33 -17.18 2.96 15.32
C ARG B 33 -17.12 3.86 14.09
N VAL B 34 -15.92 4.12 13.63
CA VAL B 34 -15.76 5.00 12.48
C VAL B 34 -16.05 4.27 11.16
N MET B 35 -17.06 4.76 10.46
CA MET B 35 -17.50 4.21 9.18
C MET B 35 -17.02 5.17 8.08
N LEU B 36 -16.41 4.63 7.03
CA LEU B 36 -15.95 5.46 5.92
C LEU B 36 -16.68 5.19 4.62
N VAL B 37 -17.17 6.27 4.00
CA VAL B 37 -17.84 6.16 2.73
C VAL B 37 -17.12 7.03 1.72
N PRO B 38 -16.27 6.41 0.88
CA PRO B 38 -15.52 7.17 -0.13
C PRO B 38 -16.38 7.56 -1.35
N THR B 39 -16.31 8.84 -1.74
CA THR B 39 -17.05 9.32 -2.90
C THR B 39 -16.25 10.39 -3.62
N MET B 40 -16.68 10.70 -4.83
CA MET B 40 -16.05 11.79 -5.56
C MET B 40 -17.04 12.94 -5.70
N GLY B 41 -18.00 13.01 -4.78
CA GLY B 41 -18.98 14.10 -4.84
C GLY B 41 -20.13 13.96 -5.83
N ALA B 42 -20.85 15.06 -6.10
CA ALA B 42 -22.01 15.03 -7.01
C ALA B 42 -22.90 13.88 -6.53
N LEU B 43 -23.23 13.91 -5.24
CA LEU B 43 -24.00 12.85 -4.61
C LEU B 43 -25.43 12.69 -5.05
N HIS B 44 -25.86 11.44 -5.13
CA HIS B 44 -27.23 11.11 -5.50
C HIS B 44 -27.68 9.95 -4.61
N GLU B 45 -28.90 9.47 -4.82
CA GLU B 45 -29.45 8.40 -4.00
C GLU B 45 -28.56 7.17 -3.90
N GLY B 46 -27.80 6.89 -4.95
CA GLY B 46 -26.93 5.72 -4.91
C GLY B 46 -25.92 5.89 -3.79
N HIS B 47 -25.33 7.07 -3.73
CA HIS B 47 -24.33 7.35 -2.71
C HIS B 47 -24.94 7.34 -1.33
N LEU B 48 -26.15 7.87 -1.20
CA LEU B 48 -26.81 7.93 0.10
C LEU B 48 -27.16 6.58 0.68
N ALA B 49 -27.32 5.56 -0.17
CA ALA B 49 -27.62 4.22 0.35
C ALA B 49 -26.40 3.76 1.12
N LEU B 50 -25.21 4.16 0.66
CA LEU B 50 -23.99 3.78 1.37
C LEU B 50 -23.97 4.51 2.71
N VAL B 51 -24.32 5.79 2.68
CA VAL B 51 -24.37 6.59 3.87
C VAL B 51 -25.32 5.99 4.88
N ARG B 52 -26.51 5.61 4.43
CA ARG B 52 -27.49 5.01 5.31
C ARG B 52 -27.05 3.68 5.86
N ALA B 53 -26.30 2.92 5.07
CA ALA B 53 -25.81 1.61 5.51
C ALA B 53 -24.84 1.85 6.67
N ALA B 54 -23.96 2.83 6.49
CA ALA B 54 -22.97 3.16 7.52
C ALA B 54 -23.64 3.71 8.80
N LYS B 55 -24.64 4.57 8.61
CA LYS B 55 -25.31 5.16 9.73
C LYS B 55 -26.04 4.17 10.63
N ARG B 56 -26.55 3.09 10.07
CA ARG B 56 -27.26 2.13 10.90
C ARG B 56 -26.39 1.28 11.85
N VAL B 57 -25.06 1.34 11.71
CA VAL B 57 -24.16 0.59 12.59
C VAL B 57 -24.18 1.23 13.98
N PRO B 58 -24.54 0.45 15.02
CA PRO B 58 -24.60 1.00 16.38
C PRO B 58 -23.31 1.70 16.80
N GLY B 59 -23.44 2.91 17.35
CA GLY B 59 -22.27 3.69 17.76
C GLY B 59 -21.50 4.35 16.60
N SER B 60 -22.06 4.28 15.40
CA SER B 60 -21.37 4.84 14.23
C SER B 60 -21.15 6.35 14.20
N VAL B 61 -20.03 6.76 13.59
CA VAL B 61 -19.85 8.17 13.32
C VAL B 61 -19.52 7.95 11.87
N VAL B 62 -20.20 8.68 10.99
CA VAL B 62 -19.96 8.49 9.59
C VAL B 62 -19.04 9.52 8.98
N VAL B 63 -18.05 9.02 8.24
CA VAL B 63 -17.12 9.89 7.57
C VAL B 63 -17.34 9.74 6.06
N VAL B 64 -17.72 10.83 5.41
CA VAL B 64 -17.90 10.78 3.97
C VAL B 64 -16.81 11.60 3.32
N SER B 65 -15.98 10.95 2.52
CA SER B 65 -14.93 11.68 1.82
C SER B 65 -15.46 12.13 0.45
N ILE B 66 -15.06 13.33 0.05
CA ILE B 66 -15.47 13.91 -1.23
C ILE B 66 -14.13 14.36 -1.78
N PHE B 67 -13.65 13.64 -2.79
CA PHE B 67 -12.37 13.93 -3.41
C PHE B 67 -12.36 13.39 -4.83
N VAL B 68 -12.33 14.29 -5.80
CA VAL B 68 -12.27 13.87 -7.19
C VAL B 68 -10.79 13.49 -7.36
N ASN B 69 -10.55 12.19 -7.39
CA ASN B 69 -9.20 11.63 -7.48
C ASN B 69 -8.60 11.74 -8.86
N PRO B 70 -7.61 12.65 -9.06
CA PRO B 70 -7.06 12.74 -10.41
C PRO B 70 -6.35 11.52 -10.95
N MET B 71 -5.83 10.68 -10.05
CA MET B 71 -5.08 9.52 -10.48
C MET B 71 -5.91 8.45 -11.19
N GLN B 72 -7.24 8.43 -10.99
CA GLN B 72 -8.05 7.42 -11.66
C GLN B 72 -8.69 7.92 -12.94
N PHE B 73 -8.34 9.14 -13.36
CA PHE B 73 -8.87 9.64 -14.61
C PHE B 73 -7.84 9.21 -15.65
N GLY B 74 -8.28 9.02 -16.88
CA GLY B 74 -7.34 8.57 -17.87
C GLY B 74 -6.58 9.69 -18.53
N ALA B 75 -5.57 9.32 -19.29
CA ALA B 75 -4.77 10.29 -20.03
C ALA B 75 -5.80 10.99 -20.93
N GLY B 76 -6.98 10.38 -21.02
CA GLY B 76 -8.08 10.90 -21.84
C GLY B 76 -9.35 11.19 -21.04
N GLY B 77 -9.36 10.83 -19.76
CA GLY B 77 -10.52 11.08 -18.91
C GLY B 77 -10.60 12.58 -18.61
N ASP B 78 -11.81 13.12 -18.58
CA ASP B 78 -11.95 14.54 -18.35
C ASP B 78 -12.14 14.97 -16.89
N LEU B 79 -11.02 15.18 -16.21
CA LEU B 79 -11.01 15.60 -14.82
C LEU B 79 -11.76 16.92 -14.57
N ASP B 80 -11.49 17.95 -15.37
CA ASP B 80 -12.14 19.25 -15.19
C ASP B 80 -13.64 19.24 -15.51
N ALA B 81 -14.08 18.25 -16.27
CA ALA B 81 -15.49 18.13 -16.64
C ALA B 81 -16.31 17.38 -15.59
N TYR B 82 -15.62 16.74 -14.66
CA TYR B 82 -16.31 15.98 -13.60
C TYR B 82 -17.21 16.91 -12.76
N PRO B 83 -18.48 16.53 -12.57
CA PRO B 83 -19.41 17.36 -11.79
C PRO B 83 -18.90 17.75 -10.37
N ARG B 84 -19.03 19.04 -10.05
CA ARG B 84 -18.61 19.52 -8.75
C ARG B 84 -19.69 20.42 -8.14
N THR B 85 -20.42 19.86 -7.19
CA THR B 85 -21.51 20.56 -6.50
C THR B 85 -21.30 20.44 -4.99
N PRO B 86 -20.30 21.13 -4.45
CA PRO B 86 -19.93 21.12 -3.02
C PRO B 86 -21.04 21.47 -2.06
N ASP B 87 -21.62 22.65 -2.26
CA ASP B 87 -22.68 23.13 -1.41
C ASP B 87 -23.78 22.10 -1.33
N ASP B 88 -24.28 21.68 -2.48
CA ASP B 88 -25.35 20.70 -2.51
C ASP B 88 -24.95 19.39 -1.83
N ASP B 89 -23.74 18.93 -2.09
CA ASP B 89 -23.27 17.70 -1.47
C ASP B 89 -23.37 17.79 0.05
N LEU B 90 -22.79 18.84 0.62
CA LEU B 90 -22.77 18.97 2.09
C LEU B 90 -24.18 19.10 2.65
N ALA B 91 -25.09 19.60 1.81
CA ALA B 91 -26.49 19.74 2.23
C ALA B 91 -27.10 18.36 2.36
N GLN B 92 -26.86 17.52 1.36
CA GLN B 92 -27.41 16.18 1.41
C GLN B 92 -26.81 15.44 2.59
N LEU B 93 -25.54 15.65 2.86
CA LEU B 93 -24.92 14.97 4.01
C LEU B 93 -25.56 15.43 5.35
N ARG B 94 -25.81 16.73 5.48
CA ARG B 94 -26.44 17.31 6.65
C ARG B 94 -27.81 16.70 6.82
N ALA B 95 -28.57 16.64 5.73
CA ALA B 95 -29.89 16.05 5.75
C ALA B 95 -29.85 14.58 6.23
N GLU B 96 -28.80 13.84 5.87
CA GLU B 96 -28.66 12.43 6.26
C GLU B 96 -28.10 12.25 7.67
N GLY B 97 -27.74 13.35 8.32
CA GLY B 97 -27.22 13.23 9.66
C GLY B 97 -25.76 12.81 9.73
N VAL B 98 -25.01 12.99 8.64
CA VAL B 98 -23.60 12.63 8.63
C VAL B 98 -22.85 13.66 9.46
N GLU B 99 -21.94 13.21 10.32
CA GLU B 99 -21.21 14.13 11.19
C GLU B 99 -19.86 14.59 10.68
N ILE B 100 -19.27 13.85 9.73
CA ILE B 100 -17.98 14.26 9.20
C ILE B 100 -17.87 14.12 7.68
N ALA B 101 -17.43 15.20 7.06
CA ALA B 101 -17.17 15.22 5.62
C ALA B 101 -15.68 15.58 5.50
N PHE B 102 -14.94 14.76 4.78
CA PHE B 102 -13.52 14.94 4.53
C PHE B 102 -13.37 15.40 3.08
N THR B 103 -12.98 16.66 2.90
CA THR B 103 -12.84 17.27 1.57
C THR B 103 -11.42 17.79 1.33
N PRO B 104 -10.43 16.89 1.12
CA PRO B 104 -9.04 17.31 0.89
C PRO B 104 -8.83 17.91 -0.49
N THR B 105 -7.74 18.66 -0.64
CA THR B 105 -7.36 19.23 -1.93
C THR B 105 -6.46 18.19 -2.58
N THR B 106 -6.22 18.32 -3.88
CA THR B 106 -5.32 17.42 -4.59
C THR B 106 -3.91 17.53 -4.04
N ALA B 107 -3.51 18.75 -3.67
CA ALA B 107 -2.16 18.98 -3.15
C ALA B 107 -1.96 18.27 -1.80
N ALA B 108 -3.01 18.23 -1.00
CA ALA B 108 -2.91 17.61 0.30
C ALA B 108 -2.90 16.06 0.19
N MET B 109 -3.56 15.53 -0.84
CA MET B 109 -3.61 14.08 -1.03
C MET B 109 -2.36 13.62 -1.75
N TYR B 110 -1.87 14.46 -2.65
CA TYR B 110 -0.69 14.13 -3.41
C TYR B 110 0.42 15.22 -3.25
N PRO B 111 0.88 15.45 -2.01
CA PRO B 111 1.93 16.48 -1.81
C PRO B 111 3.24 16.24 -2.53
N ASP B 112 3.54 14.99 -2.86
CA ASP B 112 4.76 14.66 -3.56
C ASP B 112 4.43 14.16 -4.95
N GLY B 113 3.25 14.51 -5.46
CA GLY B 113 2.88 14.03 -6.79
C GLY B 113 2.72 12.52 -6.77
N LEU B 114 2.85 11.87 -7.92
CA LEU B 114 2.73 10.42 -7.98
C LEU B 114 4.09 9.78 -7.75
N ARG B 115 4.25 9.13 -6.61
CA ARG B 115 5.53 8.52 -6.28
C ARG B 115 5.25 7.07 -5.90
N THR B 116 5.08 6.74 -4.62
CA THR B 116 4.77 5.34 -4.31
C THR B 116 3.27 5.14 -4.68
N THR B 117 2.95 4.08 -5.43
CA THR B 117 1.54 3.82 -5.75
C THR B 117 1.19 2.35 -5.54
N VAL B 118 -0.08 2.01 -5.69
CA VAL B 118 -0.53 0.62 -5.55
C VAL B 118 -0.67 0.03 -6.94
N GLN B 119 -0.10 -1.16 -7.14
CA GLN B 119 -0.21 -1.87 -8.39
C GLN B 119 -1.21 -3.01 -8.12
N PRO B 120 -2.39 -2.95 -8.76
CA PRO B 120 -3.43 -3.97 -8.59
C PRO B 120 -3.00 -5.29 -9.24
N GLY B 121 -3.65 -6.39 -8.86
CA GLY B 121 -3.35 -7.67 -9.50
C GLY B 121 -3.91 -7.64 -10.92
N PRO B 122 -3.86 -8.77 -11.66
CA PRO B 122 -4.36 -8.82 -13.05
C PRO B 122 -5.82 -8.49 -13.37
N LEU B 123 -6.72 -8.65 -12.40
CA LEU B 123 -8.14 -8.35 -12.62
C LEU B 123 -8.31 -6.89 -13.07
N ALA B 124 -7.38 -6.02 -12.66
CA ALA B 124 -7.48 -4.61 -13.01
C ALA B 124 -7.29 -4.31 -14.51
N ALA B 125 -6.78 -5.29 -15.24
CA ALA B 125 -6.57 -5.13 -16.67
C ALA B 125 -7.74 -5.67 -17.52
N GLU B 126 -8.72 -6.27 -16.85
CA GLU B 126 -9.89 -6.82 -17.52
C GLU B 126 -11.11 -5.91 -17.38
N LEU B 127 -12.17 -6.25 -18.12
CA LEU B 127 -13.42 -5.54 -18.04
C LEU B 127 -13.23 -4.04 -18.16
N GLU B 128 -13.50 -3.28 -17.09
CA GLU B 128 -13.30 -1.83 -17.15
C GLU B 128 -11.85 -1.46 -17.39
N GLY B 129 -10.95 -2.36 -16.98
CA GLY B 129 -9.53 -2.10 -17.15
C GLY B 129 -9.08 -2.18 -18.60
N GLY B 130 -9.88 -2.82 -19.45
CA GLY B 130 -9.51 -2.92 -20.85
C GLY B 130 -9.32 -1.54 -21.46
N PRO B 131 -10.36 -0.69 -21.42
CA PRO B 131 -10.27 0.67 -21.98
C PRO B 131 -9.44 1.63 -21.12
N ARG B 132 -9.39 1.41 -19.81
CA ARG B 132 -8.63 2.31 -18.93
C ARG B 132 -7.71 1.49 -18.06
N PRO B 133 -6.59 1.01 -18.63
CA PRO B 133 -5.59 0.18 -17.95
C PRO B 133 -4.97 0.71 -16.67
N THR B 134 -5.08 2.01 -16.44
CA THR B 134 -4.51 2.61 -15.23
C THR B 134 -5.56 3.07 -14.24
N HIS B 135 -6.83 2.91 -14.57
CA HIS B 135 -7.92 3.35 -13.68
C HIS B 135 -7.90 2.76 -12.26
N PHE B 136 -7.81 1.45 -12.14
CA PHE B 136 -7.83 0.81 -10.82
C PHE B 136 -6.63 1.06 -9.89
N ALA B 137 -5.46 1.28 -10.46
CA ALA B 137 -4.26 1.60 -9.66
C ALA B 137 -4.59 2.95 -9.00
N GLY B 138 -5.24 3.82 -9.77
CA GLY B 138 -5.62 5.13 -9.22
C GLY B 138 -6.63 4.97 -8.10
N VAL B 139 -7.63 4.12 -8.32
CA VAL B 139 -8.61 3.87 -7.30
C VAL B 139 -7.97 3.21 -6.05
N LEU B 140 -7.26 2.09 -6.21
CA LEU B 140 -6.69 1.44 -5.02
C LEU B 140 -5.68 2.36 -4.29
N THR B 141 -4.95 3.18 -5.01
CA THR B 141 -4.00 4.07 -4.38
C THR B 141 -4.71 5.06 -3.48
N VAL B 142 -5.78 5.68 -3.97
CA VAL B 142 -6.45 6.67 -3.15
C VAL B 142 -7.24 6.00 -2.02
N VAL B 143 -7.82 4.84 -2.28
CA VAL B 143 -8.59 4.18 -1.22
C VAL B 143 -7.63 3.76 -0.10
N LEU B 144 -6.46 3.23 -0.46
CA LEU B 144 -5.47 2.85 0.56
C LEU B 144 -5.12 4.08 1.43
N LYS B 145 -4.85 5.22 0.79
CA LYS B 145 -4.54 6.45 1.51
C LYS B 145 -5.72 6.89 2.39
N LEU B 146 -6.94 6.79 1.87
CA LEU B 146 -8.12 7.19 2.68
C LEU B 146 -8.28 6.27 3.90
N LEU B 147 -7.98 4.99 3.71
CA LEU B 147 -8.07 4.03 4.83
C LEU B 147 -7.02 4.32 5.90
N GLN B 148 -5.85 4.78 5.49
CA GLN B 148 -4.80 5.05 6.48
C GLN B 148 -5.02 6.37 7.20
N ILE B 149 -5.63 7.33 6.52
CA ILE B 149 -5.91 8.64 7.12
C ILE B 149 -7.07 8.53 8.12
N VAL B 150 -8.17 7.91 7.68
CA VAL B 150 -9.37 7.79 8.50
C VAL B 150 -9.37 6.59 9.46
N ARG B 151 -8.69 5.52 9.06
CA ARG B 151 -8.62 4.29 9.85
C ARG B 151 -10.01 3.89 10.37
N PRO B 152 -10.94 3.63 9.46
CA PRO B 152 -12.30 3.24 9.83
C PRO B 152 -12.40 1.77 10.23
N ASP B 153 -13.47 1.43 10.93
CA ASP B 153 -13.70 0.03 11.30
C ASP B 153 -14.33 -0.65 10.08
N ARG B 154 -15.10 0.11 9.30
CA ARG B 154 -15.76 -0.40 8.09
C ARG B 154 -15.73 0.67 7.00
N VAL B 155 -15.59 0.24 5.76
CA VAL B 155 -15.58 1.13 4.60
C VAL B 155 -16.65 0.56 3.64
N PHE B 156 -17.44 1.45 3.05
CA PHE B 156 -18.55 1.07 2.19
C PHE B 156 -18.36 1.36 0.73
N PHE B 157 -18.77 0.39 -0.08
CA PHE B 157 -18.65 0.53 -1.54
C PHE B 157 -19.91 -0.01 -2.19
N GLY B 158 -20.32 0.60 -3.31
CA GLY B 158 -21.52 0.14 -3.97
C GLY B 158 -21.26 -1.02 -4.89
N GLU B 159 -22.22 -1.95 -4.97
CA GLU B 159 -22.10 -3.10 -5.89
C GLU B 159 -22.20 -2.58 -7.32
N LYS B 160 -22.64 -1.33 -7.45
CA LYS B 160 -22.74 -0.72 -8.78
C LYS B 160 -21.40 -0.86 -9.49
N ASP B 161 -20.31 -0.58 -8.78
CA ASP B 161 -18.96 -0.71 -9.36
C ASP B 161 -18.42 -1.99 -8.76
N TYR B 162 -18.97 -3.09 -9.24
CA TYR B 162 -18.61 -4.40 -8.72
C TYR B 162 -17.13 -4.75 -8.86
N GLN B 163 -16.52 -4.49 -10.03
CA GLN B 163 -15.12 -4.81 -10.20
C GLN B 163 -14.28 -3.98 -9.18
N GLN B 164 -14.63 -2.71 -9.03
CA GLN B 164 -13.98 -1.86 -8.05
C GLN B 164 -14.12 -2.51 -6.65
N LEU B 165 -15.31 -3.00 -6.33
CA LEU B 165 -15.53 -3.60 -5.03
C LEU B 165 -14.67 -4.84 -4.82
N VAL B 166 -14.61 -5.70 -5.84
CA VAL B 166 -13.78 -6.91 -5.74
C VAL B 166 -12.29 -6.57 -5.56
N LEU B 167 -11.80 -5.60 -6.34
CA LEU B 167 -10.42 -5.17 -6.25
C LEU B 167 -10.09 -4.56 -4.87
N ILE B 168 -11.06 -3.91 -4.22
CA ILE B 168 -10.81 -3.33 -2.89
C ILE B 168 -10.72 -4.50 -1.89
N ARG B 169 -11.55 -5.53 -2.07
CA ARG B 169 -11.46 -6.67 -1.19
C ARG B 169 -10.08 -7.32 -1.40
N GLN B 170 -9.55 -7.33 -2.64
CA GLN B 170 -8.22 -7.89 -2.87
C GLN B 170 -7.14 -7.03 -2.20
N LEU B 171 -7.30 -5.70 -2.26
CA LEU B 171 -6.36 -4.76 -1.64
C LEU B 171 -6.34 -5.04 -0.13
N VAL B 172 -7.52 -5.12 0.47
CA VAL B 172 -7.64 -5.35 1.92
C VAL B 172 -7.01 -6.69 2.34
N ALA B 173 -7.31 -7.74 1.60
CA ALA B 173 -6.73 -9.05 1.91
C ALA B 173 -5.19 -9.08 1.69
N ASP B 174 -4.74 -8.62 0.53
CA ASP B 174 -3.32 -8.65 0.15
C ASP B 174 -2.38 -7.79 0.99
N PHE B 175 -2.87 -6.65 1.50
CA PHE B 175 -2.02 -5.80 2.32
C PHE B 175 -2.35 -5.97 3.80
N ASN B 176 -3.18 -6.97 4.11
CA ASN B 176 -3.55 -7.26 5.51
C ASN B 176 -4.20 -6.10 6.26
N LEU B 177 -5.02 -5.29 5.57
CA LEU B 177 -5.65 -4.15 6.16
C LEU B 177 -6.70 -4.58 7.16
N ASP B 178 -6.68 -3.94 8.31
CA ASP B 178 -7.61 -4.28 9.36
C ASP B 178 -8.88 -3.44 9.25
N VAL B 179 -9.70 -3.73 8.24
CA VAL B 179 -10.96 -3.01 8.05
C VAL B 179 -11.96 -3.97 7.37
N ALA B 180 -13.24 -3.88 7.73
CA ALA B 180 -14.25 -4.71 7.06
C ALA B 180 -14.76 -3.93 5.83
N VAL B 181 -14.84 -4.62 4.69
CA VAL B 181 -15.31 -4.01 3.45
C VAL B 181 -16.78 -4.37 3.33
N VAL B 182 -17.64 -3.37 3.18
CA VAL B 182 -19.07 -3.63 3.07
C VAL B 182 -19.59 -3.24 1.71
N GLY B 183 -20.16 -4.22 1.01
CA GLY B 183 -20.74 -3.95 -0.28
C GLY B 183 -22.20 -3.61 -0.09
N VAL B 184 -22.67 -2.55 -0.77
CA VAL B 184 -24.06 -2.10 -0.67
C VAL B 184 -24.74 -2.30 -2.03
N PRO B 185 -25.96 -2.88 -2.03
CA PRO B 185 -26.69 -3.15 -3.27
C PRO B 185 -26.95 -1.90 -4.12
N THR B 186 -26.96 -2.10 -5.43
CA THR B 186 -27.18 -1.04 -6.38
C THR B 186 -28.53 -0.36 -6.24
N VAL B 187 -28.51 0.96 -6.19
CA VAL B 187 -29.76 1.71 -6.13
C VAL B 187 -30.12 1.94 -7.61
N ARG B 188 -31.39 1.69 -7.94
CA ARG B 188 -31.93 1.79 -9.30
C ARG B 188 -33.12 2.72 -9.43
N GLU B 189 -33.26 3.29 -10.63
CA GLU B 189 -34.39 4.14 -10.93
C GLU B 189 -35.60 3.20 -11.07
N ALA B 190 -36.81 3.76 -11.10
CA ALA B 190 -38.03 2.97 -11.19
C ALA B 190 -38.07 1.89 -12.26
N ASP B 191 -37.44 2.13 -13.41
CA ASP B 191 -37.45 1.08 -14.44
C ASP B 191 -36.26 0.11 -14.39
N GLY B 192 -35.40 0.23 -13.35
CA GLY B 192 -34.24 -0.65 -13.23
C GLY B 192 -32.88 -0.08 -13.62
N LEU B 193 -32.88 1.04 -14.34
CA LEU B 193 -31.61 1.65 -14.73
C LEU B 193 -30.79 1.95 -13.48
N ALA B 194 -29.54 1.46 -13.47
CA ALA B 194 -28.71 1.69 -12.30
C ALA B 194 -28.44 3.19 -12.18
N MET B 195 -28.61 3.74 -10.99
CA MET B 195 -28.36 5.18 -10.84
C MET B 195 -26.91 5.59 -11.06
N SER B 196 -26.76 6.68 -11.82
CA SER B 196 -25.47 7.23 -12.13
C SER B 196 -25.69 8.67 -12.58
N SER B 197 -24.70 9.51 -12.37
CA SER B 197 -24.86 10.90 -12.78
C SER B 197 -24.84 10.95 -14.28
N ARG B 198 -24.31 9.90 -14.91
CA ARG B 198 -24.23 9.86 -16.36
C ARG B 198 -25.55 9.69 -17.08
N ASN B 199 -26.57 9.21 -16.37
CA ASN B 199 -27.86 8.98 -16.98
C ASN B 199 -28.51 10.25 -17.52
N ARG B 200 -28.18 11.39 -16.95
CA ARG B 200 -28.75 12.67 -17.42
C ARG B 200 -28.16 13.10 -18.76
N TYR B 201 -27.14 12.40 -19.23
CA TYR B 201 -26.54 12.75 -20.51
C TYR B 201 -27.27 12.10 -21.69
N LEU B 202 -28.10 11.10 -21.36
CA LEU B 202 -28.89 10.37 -22.35
C LEU B 202 -30.10 11.14 -22.88
N ASP B 203 -30.27 11.16 -24.20
CA ASP B 203 -31.44 11.78 -24.78
C ASP B 203 -32.58 10.78 -24.55
N PRO B 204 -33.83 11.16 -24.89
CA PRO B 204 -34.96 10.25 -24.68
C PRO B 204 -34.86 8.85 -25.26
N ALA B 205 -34.39 8.76 -26.50
CA ALA B 205 -34.23 7.49 -27.19
C ALA B 205 -33.16 6.63 -26.50
N GLN B 206 -32.11 7.29 -26.06
CA GLN B 206 -31.02 6.59 -25.42
C GLN B 206 -31.43 6.16 -24.02
N ARG B 207 -32.19 7.03 -23.34
CA ARG B 207 -32.68 6.74 -21.97
C ARG B 207 -33.61 5.55 -21.99
N ALA B 208 -34.47 5.47 -23.01
CA ALA B 208 -35.41 4.35 -23.17
C ALA B 208 -34.63 3.06 -23.51
N ALA B 209 -33.66 3.16 -24.42
CA ALA B 209 -32.85 2.00 -24.79
C ALA B 209 -32.00 1.48 -23.63
N ALA B 210 -31.57 2.40 -22.76
CA ALA B 210 -30.70 2.08 -21.62
C ALA B 210 -31.32 1.08 -20.65
N VAL B 211 -32.66 1.06 -20.59
CA VAL B 211 -33.33 0.12 -19.72
C VAL B 211 -32.92 -1.32 -20.06
N ALA B 212 -32.48 -1.56 -21.30
CA ALA B 212 -32.07 -2.89 -21.72
C ALA B 212 -30.93 -3.52 -20.88
N LEU B 213 -30.05 -2.70 -20.34
CA LEU B 213 -28.98 -3.25 -19.52
C LEU B 213 -29.50 -3.95 -18.28
N SER B 214 -30.34 -3.28 -17.49
CA SER B 214 -30.90 -3.92 -16.31
C SER B 214 -31.90 -5.05 -16.67
N ALA B 215 -32.66 -4.84 -17.74
CA ALA B 215 -33.66 -5.82 -18.20
C ALA B 215 -32.96 -7.11 -18.63
N ALA B 216 -31.83 -6.97 -19.32
CA ALA B 216 -31.06 -8.12 -19.79
C ALA B 216 -30.47 -8.89 -18.59
N LEU B 217 -29.97 -8.16 -17.60
CA LEU B 217 -29.39 -8.82 -16.42
C LEU B 217 -30.42 -9.53 -15.57
N THR B 218 -31.56 -8.89 -15.32
CA THR B 218 -32.60 -9.56 -14.52
C THR B 218 -33.19 -10.76 -15.31
N ALA B 219 -33.27 -10.66 -16.64
CA ALA B 219 -33.74 -11.76 -17.47
C ALA B 219 -32.75 -12.93 -17.31
N ALA B 220 -31.47 -12.59 -17.35
CA ALA B 220 -30.43 -13.58 -17.20
C ALA B 220 -30.49 -14.27 -15.85
N ALA B 221 -30.72 -13.49 -14.80
CA ALA B 221 -30.79 -14.04 -13.45
C ALA B 221 -31.88 -15.09 -13.37
N HIS B 222 -33.01 -14.84 -14.02
CA HIS B 222 -34.07 -15.84 -13.97
C HIS B 222 -33.89 -16.95 -15.01
N ALA B 223 -33.31 -16.64 -16.16
CA ALA B 223 -33.05 -17.68 -17.15
C ALA B 223 -31.98 -18.68 -16.63
N ALA B 224 -31.24 -18.28 -15.59
CA ALA B 224 -30.14 -19.06 -15.03
C ALA B 224 -30.51 -20.43 -14.44
N THR B 225 -31.78 -20.67 -14.15
CA THR B 225 -32.17 -21.98 -13.66
C THR B 225 -31.91 -22.99 -14.77
N ALA B 226 -31.88 -22.51 -16.02
CA ALA B 226 -31.61 -23.41 -17.16
C ALA B 226 -30.12 -23.47 -17.54
N GLY B 227 -29.24 -22.83 -16.76
CA GLY B 227 -27.82 -22.88 -17.03
C GLY B 227 -27.17 -21.55 -17.41
N ALA B 228 -25.84 -21.57 -17.47
CA ALA B 228 -25.04 -20.40 -17.80
C ALA B 228 -25.30 -19.89 -19.21
N GLN B 229 -25.31 -20.81 -20.18
CA GLN B 229 -25.53 -20.44 -21.56
C GLN B 229 -26.90 -19.82 -21.75
N ALA B 230 -27.91 -20.39 -21.10
CA ALA B 230 -29.26 -19.83 -21.24
C ALA B 230 -29.27 -18.41 -20.65
N ALA B 231 -28.59 -18.21 -19.53
CA ALA B 231 -28.56 -16.88 -18.92
C ALA B 231 -27.88 -15.88 -19.85
N LEU B 232 -26.75 -16.28 -20.43
CA LEU B 232 -26.04 -15.39 -21.32
C LEU B 232 -26.83 -15.13 -22.59
N ASP B 233 -27.47 -16.16 -23.16
CA ASP B 233 -28.24 -15.93 -24.39
C ASP B 233 -29.44 -15.04 -24.12
N ALA B 234 -30.10 -15.19 -22.96
CA ALA B 234 -31.25 -14.33 -22.63
C ALA B 234 -30.80 -12.86 -22.54
N ALA B 235 -29.66 -12.62 -21.88
CA ALA B 235 -29.15 -11.27 -21.73
C ALA B 235 -28.82 -10.65 -23.06
N ARG B 236 -28.12 -11.42 -23.89
CA ARG B 236 -27.74 -10.97 -25.22
C ARG B 236 -29.00 -10.69 -26.06
N ALA B 237 -30.06 -11.49 -25.90
CA ALA B 237 -31.25 -11.24 -26.70
C ALA B 237 -31.90 -9.90 -26.32
N VAL B 238 -31.94 -9.59 -25.04
CA VAL B 238 -32.52 -8.34 -24.60
C VAL B 238 -31.70 -7.13 -25.09
N LEU B 239 -30.38 -7.23 -25.04
CA LEU B 239 -29.53 -6.14 -25.49
C LEU B 239 -29.68 -6.01 -27.01
N ASP B 240 -29.91 -7.14 -27.67
CA ASP B 240 -30.08 -7.16 -29.10
C ASP B 240 -31.40 -6.53 -29.55
N ALA B 241 -32.35 -6.35 -28.63
CA ALA B 241 -33.62 -5.73 -28.97
C ALA B 241 -33.59 -4.20 -28.77
N ALA B 242 -32.45 -3.65 -28.41
CA ALA B 242 -32.33 -2.22 -28.17
C ALA B 242 -31.51 -1.52 -29.26
N PRO B 243 -32.01 -0.36 -29.72
CA PRO B 243 -31.25 0.34 -30.75
C PRO B 243 -30.16 1.22 -30.08
N GLY B 244 -29.09 1.52 -30.83
CA GLY B 244 -28.00 2.36 -30.36
C GLY B 244 -27.29 1.95 -29.05
N VAL B 245 -27.20 0.66 -28.75
CA VAL B 245 -26.55 0.21 -27.53
C VAL B 245 -25.34 -0.63 -27.97
N ALA B 246 -24.15 -0.03 -27.88
CA ALA B 246 -22.90 -0.67 -28.30
C ALA B 246 -22.27 -1.41 -27.15
N VAL B 247 -22.51 -2.71 -27.08
CA VAL B 247 -22.00 -3.52 -25.99
C VAL B 247 -20.48 -3.73 -26.04
N ASP B 248 -19.80 -3.30 -25.00
CA ASP B 248 -18.37 -3.48 -24.95
C ASP B 248 -18.09 -4.86 -24.36
N TYR B 249 -18.89 -5.33 -23.41
CA TYR B 249 -18.71 -6.68 -22.87
C TYR B 249 -19.92 -7.13 -22.09
N LEU B 250 -20.08 -8.45 -22.00
CA LEU B 250 -21.17 -9.06 -21.27
C LEU B 250 -20.48 -10.35 -20.82
N GLU B 251 -20.16 -10.44 -19.55
CA GLU B 251 -19.43 -11.57 -19.02
C GLU B 251 -19.96 -12.09 -17.70
N LEU B 252 -20.06 -13.42 -17.64
CA LEU B 252 -20.50 -14.12 -16.45
C LEU B 252 -19.22 -14.63 -15.82
N ARG B 253 -19.01 -14.29 -14.56
CA ARG B 253 -17.80 -14.70 -13.83
C ARG B 253 -18.18 -15.27 -12.45
N ASP B 254 -17.23 -15.79 -11.68
CA ASP B 254 -17.63 -16.26 -10.37
C ASP B 254 -17.70 -14.97 -9.55
N ILE B 255 -18.09 -15.03 -8.28
CA ILE B 255 -18.25 -13.78 -7.54
C ILE B 255 -16.97 -13.00 -7.24
N GLY B 256 -15.81 -13.64 -7.35
CA GLY B 256 -14.54 -12.95 -7.13
C GLY B 256 -14.00 -12.48 -8.49
N LEU B 257 -14.83 -12.62 -9.50
CA LEU B 257 -14.56 -12.26 -10.89
C LEU B 257 -13.57 -13.19 -11.57
N GLY B 258 -13.45 -14.39 -11.01
CA GLY B 258 -12.62 -15.40 -11.61
C GLY B 258 -13.43 -16.06 -12.72
N PRO B 259 -12.93 -17.14 -13.34
CA PRO B 259 -13.61 -17.87 -14.44
C PRO B 259 -15.09 -18.18 -14.24
N MET B 260 -15.85 -18.09 -15.32
CA MET B 260 -17.28 -18.36 -15.28
C MET B 260 -17.64 -19.70 -14.67
N PRO B 261 -18.70 -19.73 -13.86
CA PRO B 261 -19.13 -20.98 -13.22
C PRO B 261 -20.21 -21.65 -14.10
N LEU B 262 -20.19 -22.97 -14.18
CA LEU B 262 -21.21 -23.69 -14.95
C LEU B 262 -22.27 -24.10 -13.92
N ASN B 263 -21.95 -23.86 -12.65
CA ASN B 263 -22.87 -24.12 -11.55
C ASN B 263 -22.49 -23.33 -10.29
N GLY B 264 -23.48 -22.92 -9.51
CA GLY B 264 -23.18 -22.16 -8.30
C GLY B 264 -23.36 -20.67 -8.49
N SER B 265 -22.88 -19.89 -7.52
CA SER B 265 -23.01 -18.45 -7.57
C SER B 265 -22.07 -17.75 -8.53
N GLY B 266 -22.51 -16.62 -9.07
CA GLY B 266 -21.67 -15.89 -9.99
C GLY B 266 -22.15 -14.47 -10.15
N ARG B 267 -21.53 -13.72 -11.04
CA ARG B 267 -21.92 -12.34 -11.26
C ARG B 267 -21.90 -12.13 -12.78
N LEU B 268 -22.93 -11.46 -13.30
CA LEU B 268 -22.99 -11.19 -14.75
C LEU B 268 -22.80 -9.68 -14.86
N LEU B 269 -21.79 -9.26 -15.63
CA LEU B 269 -21.46 -7.85 -15.80
C LEU B 269 -21.59 -7.41 -17.24
N VAL B 270 -22.03 -6.18 -17.43
CA VAL B 270 -22.22 -5.63 -18.76
C VAL B 270 -21.77 -4.18 -18.80
N ALA B 271 -21.30 -3.74 -19.98
CA ALA B 271 -20.91 -2.36 -20.20
C ALA B 271 -21.29 -2.06 -21.65
N ALA B 272 -21.87 -0.88 -21.88
CA ALA B 272 -22.25 -0.52 -23.24
C ALA B 272 -22.20 0.97 -23.45
N ARG B 273 -22.07 1.36 -24.71
CA ARG B 273 -22.00 2.78 -25.03
C ARG B 273 -23.25 3.21 -25.78
N LEU B 274 -23.90 4.27 -25.31
CA LEU B 274 -25.07 4.82 -25.97
C LEU B 274 -24.58 6.18 -26.37
N GLY B 275 -24.19 6.31 -27.65
CA GLY B 275 -23.66 7.58 -28.14
C GLY B 275 -22.31 7.78 -27.45
N THR B 276 -22.11 8.89 -26.75
CA THR B 276 -20.83 9.07 -26.06
C THR B 276 -20.88 8.67 -24.58
N THR B 277 -21.99 8.15 -24.13
CA THR B 277 -22.14 7.78 -22.71
C THR B 277 -21.96 6.27 -22.44
N ARG B 278 -21.01 5.93 -21.56
CA ARG B 278 -20.70 4.55 -21.20
C ARG B 278 -21.47 4.20 -19.92
N LEU B 279 -22.23 3.11 -19.99
CA LEU B 279 -23.01 2.68 -18.85
C LEU B 279 -22.59 1.30 -18.43
N LEU B 280 -22.72 1.01 -17.16
CA LEU B 280 -22.35 -0.29 -16.62
C LEU B 280 -23.45 -0.84 -15.72
N ASP B 281 -23.50 -2.16 -15.62
CA ASP B 281 -24.46 -2.78 -14.71
C ASP B 281 -23.95 -4.19 -14.42
N ASN B 282 -24.44 -4.80 -13.36
CA ASN B 282 -24.03 -6.17 -13.02
C ASN B 282 -25.10 -6.73 -12.07
N ILE B 283 -25.10 -8.05 -11.90
CA ILE B 283 -26.11 -8.61 -11.02
C ILE B 283 -25.63 -9.94 -10.52
N ALA B 284 -26.13 -10.35 -9.36
CA ALA B 284 -25.77 -11.67 -8.81
C ALA B 284 -26.50 -12.69 -9.68
N ILE B 285 -25.86 -13.83 -9.94
CA ILE B 285 -26.48 -14.88 -10.74
C ILE B 285 -26.33 -16.24 -10.01
N GLU B 286 -27.38 -17.03 -9.94
CA GLU B 286 -27.25 -18.37 -9.32
C GLU B 286 -27.44 -19.35 -10.50
N ILE B 287 -26.38 -20.08 -10.87
CA ILE B 287 -26.51 -20.98 -12.01
C ILE B 287 -26.91 -22.38 -11.61
N GLY B 288 -28.03 -22.84 -12.20
CA GLY B 288 -28.55 -24.16 -11.90
C GLY B 288 -29.99 -24.02 -11.44
S SO4 C . 11.72 8.81 23.25
O1 SO4 C . 10.25 8.65 23.20
O2 SO4 C . 12.07 10.21 22.90
O3 SO4 C . 12.21 8.51 24.62
O4 SO4 C . 12.38 7.87 22.30
S SO4 D . 23.47 -8.71 -5.44
O1 SO4 D . 23.21 -8.24 -6.82
O2 SO4 D . 23.92 -7.55 -4.61
O3 SO4 D . 22.23 -9.26 -4.87
O4 SO4 D . 24.51 -9.76 -5.48
MN MN E . 25.14 -21.13 14.00
P PAJ F . 18.08 -7.41 6.71
O1P PAJ F . 19.09 -7.51 5.69
O2P PAJ F . 17.89 -8.55 7.65
O5' PAJ F . 18.43 -6.04 7.53
C5' PAJ F . 17.46 -5.85 8.32
C4' PAJ F . 17.65 -4.43 8.86
O4' PAJ F . 18.91 -4.34 9.60
C3' PAJ F . 17.73 -3.34 7.77
O3' PAJ F . 16.96 -2.24 8.19
C2' PAJ F . 19.17 -3.01 7.68
O2' PAJ F . 19.49 -1.73 7.12
C1' PAJ F . 19.63 -3.20 9.11
N9 PAJ F . 21.05 -3.42 9.12
C8 PAJ F . 21.82 -4.36 8.51
N7 PAJ F . 23.11 -4.30 8.71
C5 PAJ F . 23.24 -3.21 9.51
C6 PAJ F . 24.36 -2.58 10.12
N6 PAJ F . 25.61 -3.01 9.93
N1 PAJ F . 24.14 -1.45 10.91
C2 PAJ F . 22.86 -0.96 11.14
N3 PAJ F . 21.68 -1.52 10.60
C4 PAJ F . 21.96 -2.64 9.80
O11 PAJ F . 16.57 -5.02 4.97
C11 PAJ F . 16.00 -6.21 5.04
O12 PAJ F . 16.72 -7.25 5.98
C12 PAJ F . 14.74 -6.49 4.23
O13 PAJ F . 14.81 -5.66 3.01
C13 PAJ F . 13.41 -6.18 5.06
C14 PAJ F . 13.37 -7.01 6.40
C15 PAJ F . 13.29 -4.62 5.36
C16 PAJ F . 12.25 -6.58 4.14
O14 PAJ F . 12.31 -7.96 3.79
C1 GOL G . 0.70 -10.06 -2.46
O1 GOL G . -0.22 -9.63 -3.48
C2 GOL G . -0.22 -10.54 -1.29
O2 GOL G . 0.56 -10.67 -0.11
C3 GOL G . -1.09 -11.84 -1.59
O3 GOL G . -0.27 -13.03 -1.65
C1 EOH H . 18.09 -9.33 -1.26
C2 EOH H . 19.57 -9.29 -1.29
O EOH H . 17.49 -8.49 -0.24
S SO4 I . -24.14 -4.95 12.28
O1 SO4 I . -24.98 -4.09 13.13
O2 SO4 I . -23.91 -4.29 10.99
O3 SO4 I . -22.87 -5.25 12.95
O4 SO4 I . -24.85 -6.22 12.04
P PAJ J . -18.12 7.64 -6.76
O1P PAJ J . -18.30 7.64 -8.24
O2P PAJ J . -18.43 8.98 -6.07
O5' PAJ J . -19.05 6.47 -6.11
C5' PAJ J . -18.86 6.53 -4.83
C4' PAJ J . -19.44 5.22 -4.18
O4' PAJ J . -20.88 5.18 -4.32
C3' PAJ J . -18.93 3.90 -4.85
O3' PAJ J . -18.67 2.85 -3.86
C2' PAJ J . -20.01 3.57 -5.78
O2' PAJ J . -19.96 2.25 -6.32
C1' PAJ J . -21.24 3.94 -4.97
N9 PAJ J . -22.37 4.13 -5.89
C8 PAJ J . -22.52 4.98 -6.98
N7 PAJ J . -23.66 4.91 -7.63
C5 PAJ J . -24.33 3.91 -6.91
C6 PAJ J . -25.63 3.29 -7.05
N6 PAJ J . -26.52 3.63 -8.02
N1 PAJ J . -25.99 2.32 -6.15
C2 PAJ J . -25.13 1.91 -5.11
N3 PAJ J . -23.89 2.41 -4.89
C4 PAJ J . -23.54 3.43 -5.85
O11 PAJ J . -16.23 4.95 -6.87
C11 PAJ J . -15.68 6.15 -6.63
O12 PAJ J . -16.66 7.34 -6.45
C12 PAJ J . -14.19 6.29 -6.59
O13 PAJ J . -13.62 5.25 -7.41
C13 PAJ J . -13.63 6.22 -5.08
C14 PAJ J . -14.26 7.32 -4.21
C15 PAJ J . -13.93 4.81 -4.44
C16 PAJ J . -12.11 6.43 -5.22
O14 PAJ J . -11.72 7.71 -5.83
C1 EOH K . -13.17 8.29 -13.39
C2 EOH K . -14.08 8.18 -14.55
O EOH K . -13.67 7.69 -12.18
C1 EOH L . -19.86 4.42 -13.13
C2 EOH L . -20.81 5.53 -12.88
O EOH L . -20.19 3.21 -12.43
C1 EOH M . -36.54 -18.05 -12.34
C2 EOH M . -36.07 -18.24 -10.96
O EOH M . -36.46 -19.20 -13.21
C1 EOH N . -7.59 0.21 8.51
C2 EOH N . -6.66 1.22 7.97
O EOH N . -8.75 0.75 9.18
#